data_5XFJ
#
_entry.id   5XFJ
#
_cell.length_a   62.216
_cell.length_b   62.216
_cell.length_c   184.955
_cell.angle_alpha   90.00
_cell.angle_beta   90.00
_cell.angle_gamma   90.00
#
_symmetry.space_group_name_H-M   'P 43 21 2'
#
loop_
_entity.id
_entity.type
_entity.pdbx_description
1 polymer 'Fibroblast growth factor receptor 4'
2 non-polymer 2-[4-[E-2-[5-[(1R)-1-[3,5-bis(chloranyl)pyridin-4-yl]ethoxy]-1H-indazol-3-yl]ethenyl]pyrazol-1-yl]ethanol
#
_entity_poly.entity_id   1
_entity_poly.type   'polypeptide(L)'
_entity_poly.pdbx_seq_one_letter_code
;GPLLAGLVSLDLPLDPLWEFPRDRLVLGKPLGEGAFGQVVRAEAFGMDPARPDQASTVAVKMLKDNASDKDLADLVSEME
VMKLIGRHKNIINLLGVCTQEGPLYVIMECAAKGNLREFLRARRPPGPDLSPDGPRSSEGPLSFPVLVSCAYQVARGMQY
LESRKCIHRDLAARNVLVTEDNVMKIADFGLARGVHHIDYYKKTSNGRLPVKWMAPEALFDRVYTHQSDVWSFGILLWEI
FTLGGSPYPGIPVEELFSLLREGHRMDRPPHCPPELYGLMRECWHAAPSQRPTFKQLVEALDKVLLAVSEE
;
_entity_poly.pdbx_strand_id   A
#
# COMPACT_ATOMS: atom_id res chain seq x y z
N ASP A 11 13.91 -13.01 22.34
CA ASP A 11 14.60 -12.34 23.44
C ASP A 11 13.63 -11.89 24.54
N LEU A 12 12.61 -11.12 24.14
CA LEU A 12 11.97 -10.19 25.06
C LEU A 12 10.47 -10.47 25.20
N PRO A 13 9.60 -9.54 25.73
CA PRO A 13 8.38 -10.02 26.42
C PRO A 13 7.29 -10.58 25.53
N LEU A 14 6.08 -10.70 26.09
CA LEU A 14 4.96 -11.38 25.44
C LEU A 14 3.69 -10.59 25.72
N ASP A 15 2.99 -10.20 24.65
CA ASP A 15 1.84 -9.31 24.76
C ASP A 15 0.55 -10.12 24.71
N PRO A 16 -0.21 -10.21 25.80
CA PRO A 16 -1.47 -10.97 25.76
C PRO A 16 -2.47 -10.45 24.75
N LEU A 17 -2.34 -9.19 24.34
CA LEU A 17 -3.22 -8.60 23.32
C LEU A 17 -2.90 -9.12 21.93
N TRP A 18 -1.71 -9.68 21.72
CA TRP A 18 -1.31 -10.13 20.39
C TRP A 18 -0.56 -11.46 20.38
N GLU A 19 -0.28 -12.06 21.54
CA GLU A 19 0.60 -13.23 21.58
C GLU A 19 -0.18 -14.51 21.28
N PHE A 20 0.14 -15.15 20.14
CA PHE A 20 -0.58 -16.29 19.58
C PHE A 20 0.18 -17.59 19.84
N PRO A 21 -0.52 -18.69 20.06
CA PRO A 21 0.16 -19.99 20.18
C PRO A 21 0.60 -20.48 18.81
N ARG A 22 1.89 -20.78 18.68
CA ARG A 22 2.40 -21.38 17.46
C ARG A 22 1.66 -22.67 17.09
N ASP A 23 1.01 -23.30 18.07
CA ASP A 23 0.39 -24.61 17.85
C ASP A 23 -0.73 -24.52 16.82
N ARG A 24 -1.59 -23.50 16.93
CA ARG A 24 -2.75 -23.37 16.07
C ARG A 24 -2.43 -22.79 14.70
N LEU A 25 -1.16 -22.80 14.31
CA LEU A 25 -0.69 -22.12 13.11
C LEU A 25 0.18 -23.08 12.29
N VAL A 26 -0.38 -23.62 11.21
CA VAL A 26 0.36 -24.43 10.26
C VAL A 26 0.70 -23.56 9.05
N LEU A 27 1.99 -23.42 8.76
CA LEU A 27 2.45 -22.49 7.74
C LEU A 27 2.13 -23.02 6.35
N GLY A 28 2.67 -22.38 5.32
CA GLY A 28 2.42 -22.79 3.96
C GLY A 28 3.36 -22.18 2.93
N LYS A 29 2.87 -22.01 1.71
CA LYS A 29 3.78 -21.65 0.63
C LYS A 29 4.00 -20.13 0.57
N PRO A 30 5.21 -19.70 0.20
CA PRO A 30 5.59 -18.29 0.35
C PRO A 30 4.75 -17.35 -0.50
N LEU A 31 5.01 -16.06 -0.32
CA LEU A 31 4.35 -15.04 -1.12
C LEU A 31 5.31 -14.10 -1.84
N GLY A 32 6.56 -13.95 -1.36
CA GLY A 32 7.63 -13.63 -2.29
C GLY A 32 8.65 -12.53 -2.04
N GLU A 33 8.44 -11.62 -1.11
CA GLU A 33 9.41 -10.56 -0.84
C GLU A 33 9.39 -10.28 0.66
N GLY A 34 10.37 -9.52 1.17
CA GLY A 34 11.52 -8.92 0.49
C GLY A 34 12.03 -7.81 1.40
N ALA A 35 13.27 -7.34 1.18
CA ALA A 35 13.89 -6.31 2.00
C ALA A 35 14.00 -6.71 3.48
N PHE A 36 12.89 -6.60 4.23
CA PHE A 36 12.87 -6.84 5.68
C PHE A 36 12.73 -8.32 6.04
N GLY A 37 11.97 -9.09 5.27
CA GLY A 37 11.80 -10.51 5.58
C GLY A 37 10.98 -11.22 4.53
N GLN A 38 10.78 -12.52 4.75
CA GLN A 38 9.99 -13.37 3.88
C GLN A 38 8.57 -13.49 4.39
N VAL A 39 7.62 -13.65 3.46
CA VAL A 39 6.19 -13.69 3.79
C VAL A 39 5.60 -14.95 3.19
N VAL A 40 5.03 -15.80 4.04
CA VAL A 40 4.47 -17.08 3.62
C VAL A 40 2.98 -17.11 3.94
N ARG A 41 2.21 -17.75 3.07
CA ARG A 41 0.85 -18.12 3.44
C ARG A 41 0.89 -19.11 4.59
N ALA A 42 -0.16 -19.09 5.42
CA ALA A 42 -0.18 -19.94 6.59
C ALA A 42 -1.60 -20.17 7.05
N GLU A 43 -1.91 -21.41 7.38
CA GLU A 43 -3.25 -21.77 7.86
C GLU A 43 -3.25 -21.58 9.38
N ALA A 44 -3.88 -20.51 9.84
CA ALA A 44 -4.02 -20.24 11.27
C ALA A 44 -5.40 -20.68 11.74
N PHE A 45 -5.44 -21.34 12.89
CA PHE A 45 -6.68 -21.84 13.46
C PHE A 45 -7.12 -20.95 14.61
N GLY A 46 -8.39 -20.52 14.56
CA GLY A 46 -8.98 -19.81 15.67
C GLY A 46 -8.54 -18.37 15.84
N MET A 47 -8.17 -17.71 14.74
CA MET A 47 -7.82 -16.29 14.82
C MET A 47 -9.01 -15.46 15.30
N ASP A 48 -10.24 -15.90 15.01
CA ASP A 48 -11.45 -15.29 15.57
C ASP A 48 -11.93 -16.14 16.73
N PRO A 49 -11.70 -15.74 17.98
CA PRO A 49 -12.05 -16.61 19.12
C PRO A 49 -13.54 -16.84 19.32
N ALA A 50 -14.42 -16.32 18.46
CA ALA A 50 -15.84 -16.67 18.56
C ALA A 50 -16.05 -18.15 18.26
N ARG A 51 -15.51 -18.63 17.14
CA ARG A 51 -15.48 -20.06 16.85
C ARG A 51 -14.03 -20.51 16.87
N PRO A 52 -13.55 -21.13 17.95
CA PRO A 52 -12.17 -21.64 17.95
C PRO A 52 -11.95 -22.79 16.98
N ASP A 53 -13.01 -23.35 16.41
CA ASP A 53 -12.90 -24.36 15.37
C ASP A 53 -12.79 -23.77 13.97
N GLN A 54 -12.78 -22.45 13.84
CA GLN A 54 -12.70 -21.81 12.54
C GLN A 54 -11.34 -22.06 11.89
N ALA A 55 -11.26 -21.74 10.60
CA ALA A 55 -10.00 -21.77 9.86
C ALA A 55 -10.01 -20.65 8.82
N SER A 56 -8.85 -20.07 8.60
CA SER A 56 -8.71 -19.03 7.59
C SER A 56 -7.27 -18.98 7.14
N THR A 57 -7.04 -18.22 6.07
CA THR A 57 -5.73 -18.10 5.45
C THR A 57 -5.20 -16.72 5.79
N VAL A 58 -4.17 -16.69 6.63
CA VAL A 58 -3.49 -15.45 6.99
C VAL A 58 -2.10 -15.49 6.40
N ALA A 59 -1.45 -14.33 6.38
CA ALA A 59 -0.09 -14.21 5.92
C ALA A 59 0.85 -14.00 7.11
N VAL A 60 1.99 -14.69 7.08
CA VAL A 60 2.94 -14.70 8.19
C VAL A 60 4.28 -14.19 7.70
N LYS A 61 4.94 -13.38 8.53
CA LYS A 61 6.20 -12.73 8.19
C LYS A 61 7.31 -13.25 9.10
N MET A 62 8.40 -13.74 8.48
CA MET A 62 9.49 -14.39 9.18
C MET A 62 10.84 -13.82 8.71
N LEU A 63 11.89 -14.28 9.37
CA LEU A 63 13.27 -13.93 9.04
C LEU A 63 13.89 -15.03 8.17
N LYS A 64 14.88 -14.63 7.36
CA LYS A 64 15.60 -15.61 6.53
C LYS A 64 16.89 -16.06 7.17
N ASP A 65 17.60 -15.14 7.82
CA ASP A 65 18.86 -15.44 8.50
C ASP A 65 19.88 -16.07 7.55
N ASP A 69 21.09 -10.95 12.76
CA ASP A 69 20.64 -9.96 11.79
C ASP A 69 20.13 -8.69 12.45
N LYS A 70 20.50 -7.53 11.91
CA LYS A 70 19.84 -6.29 12.29
C LYS A 70 18.39 -6.28 11.85
N ASP A 71 18.01 -7.16 10.92
CA ASP A 71 16.64 -7.32 10.47
C ASP A 71 15.72 -7.85 11.57
N LEU A 72 16.27 -8.34 12.68
CA LEU A 72 15.46 -8.66 13.84
C LEU A 72 14.99 -7.39 14.55
N ALA A 73 15.76 -6.30 14.44
CA ALA A 73 15.34 -5.02 15.01
C ALA A 73 14.31 -4.34 14.12
N ASP A 74 14.56 -4.29 12.80
CA ASP A 74 13.56 -3.76 11.89
C ASP A 74 12.25 -4.53 12.02
N LEU A 75 12.34 -5.85 12.16
CA LEU A 75 11.13 -6.67 12.22
C LEU A 75 10.32 -6.35 13.46
N VAL A 76 10.97 -6.27 14.61
CA VAL A 76 10.27 -5.93 15.84
C VAL A 76 9.77 -4.50 15.79
N SER A 77 10.62 -3.57 15.31
CA SER A 77 10.20 -2.17 15.23
C SER A 77 8.95 -2.03 14.38
N GLU A 78 8.78 -2.88 13.36
CA GLU A 78 7.58 -2.84 12.54
C GLU A 78 6.37 -3.38 13.30
N MET A 79 6.52 -4.55 13.92
CA MET A 79 5.43 -5.15 14.68
C MET A 79 4.88 -4.17 15.70
N GLU A 80 5.77 -3.45 16.39
CA GLU A 80 5.32 -2.51 17.42
C GLU A 80 4.44 -1.42 16.83
N VAL A 81 4.67 -1.06 15.57
CA VAL A 81 4.00 0.11 15.03
C VAL A 81 2.57 -0.22 14.59
N MET A 82 2.33 -1.43 14.07
CA MET A 82 0.98 -1.81 13.66
C MET A 82 0.06 -1.93 14.86
N LYS A 83 0.58 -2.46 15.97
CA LYS A 83 -0.15 -2.40 17.23
C LYS A 83 -0.58 -0.98 17.55
N LEU A 84 0.32 -0.01 17.32
CA LEU A 84 0.05 1.38 17.68
C LEU A 84 -1.15 1.93 16.91
N ILE A 85 -1.10 1.85 15.58
CA ILE A 85 -2.12 2.47 14.74
C ILE A 85 -3.48 1.82 14.96
N GLY A 86 -3.51 0.55 15.34
CA GLY A 86 -4.76 -0.15 15.49
C GLY A 86 -5.33 -0.57 14.15
N ARG A 87 -6.51 -1.19 14.21
CA ARG A 87 -7.14 -1.70 13.02
C ARG A 87 -7.54 -0.55 12.08
N HIS A 88 -7.93 -0.92 10.87
CA HIS A 88 -8.51 -0.05 9.84
C HIS A 88 -8.89 -0.97 8.69
N LYS A 89 -9.75 -0.46 7.80
CA LYS A 89 -10.15 -1.28 6.67
C LYS A 89 -9.09 -1.28 5.57
N ASN A 90 -8.68 -0.10 5.12
CA ASN A 90 -7.88 0.06 3.92
C ASN A 90 -6.37 -0.01 4.19
N ILE A 91 -5.95 -0.59 5.32
CA ILE A 91 -4.56 -0.92 5.56
C ILE A 91 -4.49 -2.39 5.97
N ILE A 92 -3.36 -3.02 5.70
CA ILE A 92 -3.13 -4.38 6.17
C ILE A 92 -3.10 -4.35 7.69
N ASN A 93 -4.08 -4.99 8.32
CA ASN A 93 -4.19 -4.99 9.77
C ASN A 93 -3.39 -6.12 10.39
N LEU A 94 -2.89 -5.86 11.59
CA LEU A 94 -2.22 -6.90 12.36
C LEU A 94 -3.26 -7.77 13.06
N LEU A 95 -3.01 -9.08 13.06
CA LEU A 95 -3.87 -10.07 13.67
C LEU A 95 -3.26 -10.71 14.92
N GLY A 96 -1.98 -11.04 14.89
CA GLY A 96 -1.33 -11.63 16.04
C GLY A 96 0.15 -11.83 15.77
N VAL A 97 0.87 -12.21 16.83
CA VAL A 97 2.32 -12.42 16.77
C VAL A 97 2.69 -13.69 17.54
N CYS A 98 3.96 -14.10 17.37
CA CYS A 98 4.50 -15.30 18.01
C CYS A 98 5.96 -15.05 18.38
N THR A 99 6.21 -14.70 19.65
CA THR A 99 7.55 -14.53 20.18
C THR A 99 7.91 -15.56 21.24
N GLN A 100 7.02 -16.51 21.53
CA GLN A 100 7.16 -17.27 22.76
C GLN A 100 8.31 -18.28 22.68
N GLU A 101 8.31 -19.13 21.66
CA GLU A 101 9.24 -20.27 21.62
C GLU A 101 10.38 -20.07 20.62
N GLY A 102 10.87 -18.85 20.46
CA GLY A 102 12.06 -18.62 19.70
C GLY A 102 11.82 -17.78 18.46
N PRO A 103 11.64 -18.45 17.32
CA PRO A 103 11.52 -17.72 16.05
C PRO A 103 10.31 -16.81 16.03
N LEU A 104 10.50 -15.62 15.47
CA LEU A 104 9.48 -14.57 15.48
C LEU A 104 8.58 -14.70 14.26
N TYR A 105 7.29 -14.92 14.50
CA TYR A 105 6.27 -14.88 13.45
C TYR A 105 5.39 -13.66 13.65
N VAL A 106 4.95 -13.05 12.55
CA VAL A 106 4.00 -11.94 12.59
C VAL A 106 2.82 -12.29 11.69
N ILE A 107 1.62 -12.29 12.26
CA ILE A 107 0.41 -12.75 11.58
C ILE A 107 -0.45 -11.54 11.22
N MET A 108 -0.76 -11.41 9.93
CA MET A 108 -1.58 -10.29 9.43
C MET A 108 -2.56 -10.78 8.39
N GLU A 109 -3.42 -9.85 7.98
CA GLU A 109 -4.46 -10.16 7.03
C GLU A 109 -3.85 -10.57 5.70
N CYS A 110 -4.55 -11.47 5.00
CA CYS A 110 -4.08 -12.02 3.75
C CYS A 110 -5.02 -11.57 2.64
N ALA A 111 -4.44 -10.92 1.62
CA ALA A 111 -5.12 -10.51 0.39
C ALA A 111 -4.78 -11.49 -0.71
N ALA A 112 -5.79 -12.21 -1.21
CA ALA A 112 -5.53 -13.32 -2.11
C ALA A 112 -5.20 -12.87 -3.53
N LYS A 113 -5.86 -11.83 -3.98
CA LYS A 113 -5.57 -11.32 -5.31
C LYS A 113 -4.26 -10.58 -5.28
N GLY A 114 -3.53 -10.89 -4.23
CA GLY A 114 -2.30 -10.25 -3.94
C GLY A 114 -2.35 -9.01 -4.73
N ASN A 115 -1.49 -8.09 -4.36
CA ASN A 115 -0.96 -6.98 -5.12
C ASN A 115 -1.75 -6.33 -6.20
N LEU A 116 -1.59 -5.02 -6.26
CA LEU A 116 -2.28 -4.26 -7.23
C LEU A 116 -1.55 -4.34 -8.51
N ARG A 117 -0.70 -3.37 -8.74
CA ARG A 117 -0.05 -3.27 -10.04
C ARG A 117 -0.23 -4.57 -10.82
N GLU A 118 -0.08 -5.71 -10.15
CA GLU A 118 -0.29 -7.01 -10.79
C GLU A 118 -1.78 -7.32 -10.95
N PHE A 119 -2.60 -6.83 -10.02
CA PHE A 119 -4.04 -7.00 -10.11
C PHE A 119 -4.62 -6.44 -11.40
N LEU A 120 -4.00 -5.40 -11.95
CA LEU A 120 -4.53 -4.74 -13.13
C LEU A 120 -4.00 -5.33 -14.43
N ARG A 121 -2.71 -5.65 -14.50
CA ARG A 121 -2.11 -6.19 -15.72
C ARG A 121 -2.61 -7.58 -16.07
N ALA A 122 -3.42 -8.22 -15.23
CA ALA A 122 -3.99 -9.52 -15.53
C ALA A 122 -5.41 -9.42 -16.08
N ARG A 123 -6.22 -8.51 -15.54
CA ARG A 123 -7.54 -8.22 -16.09
C ARG A 123 -7.47 -7.21 -17.21
N ARG A 124 -6.27 -6.83 -17.60
CA ARG A 124 -6.08 -5.95 -18.73
C ARG A 124 -6.75 -6.58 -19.94
N PRO A 125 -7.66 -5.87 -20.61
CA PRO A 125 -8.25 -6.42 -21.82
C PRO A 125 -7.18 -6.56 -22.89
N PRO A 126 -7.55 -7.06 -24.06
CA PRO A 126 -6.70 -6.83 -25.24
C PRO A 126 -6.55 -5.32 -25.49
N GLY A 127 -5.69 -4.92 -26.43
CA GLY A 127 -5.11 -3.57 -26.43
C GLY A 127 -6.04 -2.36 -26.64
N PRO A 128 -7.24 -2.48 -27.27
CA PRO A 128 -7.81 -1.19 -27.62
C PRO A 128 -8.78 -0.62 -26.60
N PRO A 141 -15.32 -6.27 -16.64
CA PRO A 141 -14.51 -6.64 -15.47
C PRO A 141 -14.03 -5.39 -14.75
N LEU A 142 -12.78 -4.98 -15.02
CA LEU A 142 -12.34 -3.66 -14.65
C LEU A 142 -13.20 -2.62 -15.33
N SER A 143 -14.31 -2.27 -14.71
CA SER A 143 -15.10 -1.15 -15.19
C SER A 143 -14.56 0.12 -14.53
N PHE A 144 -15.00 1.27 -15.05
CA PHE A 144 -14.58 2.54 -14.49
C PHE A 144 -14.86 2.69 -13.00
N PRO A 145 -16.05 2.34 -12.47
CA PRO A 145 -16.28 2.55 -11.03
C PRO A 145 -15.40 1.70 -10.14
N VAL A 146 -15.09 0.46 -10.56
CA VAL A 146 -14.20 -0.36 -9.76
C VAL A 146 -12.84 0.32 -9.61
N LEU A 147 -12.41 1.07 -10.63
CA LEU A 147 -11.13 1.74 -10.57
C LEU A 147 -11.17 2.97 -9.68
N VAL A 148 -12.30 3.70 -9.67
CA VAL A 148 -12.48 4.76 -8.69
C VAL A 148 -12.55 4.17 -7.29
N SER A 149 -13.23 3.02 -7.14
CA SER A 149 -13.20 2.32 -5.86
C SER A 149 -11.77 1.98 -5.47
N CYS A 150 -10.95 1.54 -6.43
CA CYS A 150 -9.57 1.18 -6.12
C CYS A 150 -8.81 2.37 -5.52
N ALA A 151 -8.96 3.56 -6.12
CA ALA A 151 -8.22 4.73 -5.68
C ALA A 151 -8.81 5.33 -4.41
N TYR A 152 -10.15 5.46 -4.37
CA TYR A 152 -10.79 6.05 -3.20
C TYR A 152 -10.45 5.29 -1.92
N GLN A 153 -10.14 3.99 -2.04
CA GLN A 153 -9.73 3.22 -0.86
C GLN A 153 -8.32 3.60 -0.44
N VAL A 154 -7.40 3.71 -1.41
CA VAL A 154 -6.05 4.14 -1.09
C VAL A 154 -6.05 5.57 -0.55
N ALA A 155 -6.99 6.40 -1.00
CA ALA A 155 -7.15 7.74 -0.44
C ALA A 155 -7.46 7.66 1.06
N ARG A 156 -8.48 6.87 1.42
CA ARG A 156 -8.88 6.77 2.82
C ARG A 156 -7.80 6.14 3.67
N GLY A 157 -7.10 5.14 3.13
CA GLY A 157 -6.02 4.52 3.88
C GLY A 157 -4.85 5.45 4.12
N MET A 158 -4.58 6.34 3.17
CA MET A 158 -3.45 7.24 3.32
C MET A 158 -3.76 8.37 4.29
N GLN A 159 -5.02 8.81 4.33
CA GLN A 159 -5.40 9.84 5.29
C GLN A 159 -5.31 9.32 6.72
N TYR A 160 -5.73 8.07 6.93
CA TYR A 160 -5.65 7.47 8.25
C TYR A 160 -4.19 7.41 8.73
N LEU A 161 -3.28 6.97 7.85
CA LEU A 161 -1.88 6.89 8.25
C LEU A 161 -1.33 8.26 8.63
N GLU A 162 -1.70 9.31 7.88
CA GLU A 162 -1.26 10.66 8.23
C GLU A 162 -1.81 11.09 9.58
N SER A 163 -3.09 10.79 9.87
CA SER A 163 -3.69 11.26 11.11
C SER A 163 -3.09 10.56 12.33
N ARG A 164 -2.69 9.29 12.17
CA ARG A 164 -2.00 8.61 13.26
C ARG A 164 -0.54 8.95 13.27
N LYS A 165 -0.20 10.06 12.65
CA LYS A 165 1.16 10.58 12.54
C LYS A 165 2.10 9.59 11.89
N CYS A 166 1.57 8.62 11.16
CA CYS A 166 2.39 7.65 10.44
C CYS A 166 2.58 8.09 9.00
N ILE A 167 3.54 7.44 8.35
CA ILE A 167 3.92 7.81 7.00
C ILE A 167 4.22 6.55 6.19
N HIS A 168 4.07 6.69 4.88
CA HIS A 168 4.40 5.63 3.92
C HIS A 168 5.00 6.30 2.69
N ARG A 169 6.29 6.06 2.45
CA ARG A 169 7.01 6.83 1.45
C ARG A 169 6.86 6.26 0.04
N ASP A 170 7.11 4.97 -0.14
CA ASP A 170 7.10 4.34 -1.46
C ASP A 170 5.80 4.64 -2.21
N LEU A 171 4.68 4.11 -1.72
CA LEU A 171 3.34 4.38 -2.24
C LEU A 171 3.24 4.19 -3.75
N ALA A 172 3.41 2.94 -4.18
CA ALA A 172 3.16 2.56 -5.56
C ALA A 172 1.97 1.62 -5.62
N ALA A 173 1.51 1.36 -6.84
CA ALA A 173 0.48 0.34 -7.02
C ALA A 173 0.97 -1.05 -6.64
N ARG A 174 2.27 -1.19 -6.37
CA ARG A 174 2.82 -2.46 -5.91
C ARG A 174 2.97 -2.50 -4.40
N ASN A 175 2.51 -1.47 -3.69
CA ASN A 175 2.43 -1.50 -2.23
C ASN A 175 0.99 -1.62 -1.72
N VAL A 176 0.02 -1.67 -2.63
CA VAL A 176 -1.38 -1.79 -2.27
C VAL A 176 -1.82 -3.20 -2.61
N LEU A 177 -2.36 -3.92 -1.62
CA LEU A 177 -2.79 -5.29 -1.81
C LEU A 177 -4.31 -5.35 -1.93
N VAL A 178 -4.80 -6.32 -2.70
CA VAL A 178 -6.21 -6.45 -3.05
C VAL A 178 -6.77 -7.68 -2.37
N THR A 179 -7.74 -7.47 -1.48
CA THR A 179 -8.37 -8.57 -0.77
C THR A 179 -9.19 -9.44 -1.72
N GLU A 180 -9.83 -10.45 -1.14
CA GLU A 180 -10.70 -11.32 -1.93
C GLU A 180 -11.87 -10.54 -2.50
N ASP A 181 -12.27 -9.44 -1.84
CA ASP A 181 -13.50 -8.75 -2.15
C ASP A 181 -13.26 -7.42 -2.87
N ASN A 182 -12.08 -7.22 -3.45
CA ASN A 182 -11.70 -5.99 -4.14
C ASN A 182 -11.49 -4.82 -3.17
N VAL A 183 -11.03 -5.11 -1.96
CA VAL A 183 -10.74 -4.09 -0.97
C VAL A 183 -9.24 -3.82 -0.99
N MET A 184 -8.85 -2.55 -0.99
CA MET A 184 -7.44 -2.19 -1.09
C MET A 184 -6.88 -2.01 0.32
N LYS A 185 -5.84 -2.79 0.63
CA LYS A 185 -5.15 -2.70 1.92
C LYS A 185 -3.69 -2.33 1.67
N ILE A 186 -3.32 -1.11 2.08
CA ILE A 186 -1.94 -0.65 2.00
C ILE A 186 -1.03 -1.60 2.77
N ALA A 187 0.21 -1.74 2.29
CA ALA A 187 1.19 -2.60 2.92
C ALA A 187 2.35 -1.76 3.43
N ASP A 188 2.76 -2.02 4.67
CA ASP A 188 3.92 -1.42 5.34
C ASP A 188 3.68 0.05 5.67
N PHE A 189 4.11 0.49 6.86
CA PHE A 189 4.04 1.89 7.22
C PHE A 189 5.07 2.15 8.32
N GLY A 190 5.21 3.42 8.71
CA GLY A 190 6.12 3.82 9.76
C GLY A 190 5.76 5.20 10.28
N LEU A 191 6.47 5.59 11.33
CA LEU A 191 6.26 6.89 11.97
C LEU A 191 6.85 8.04 11.14
N LEU A 209 15.89 5.03 -5.40
CA LEU A 209 15.87 3.78 -6.16
C LEU A 209 14.54 3.59 -6.93
N PRO A 210 13.38 3.79 -6.27
CA PRO A 210 12.11 3.80 -7.03
C PRO A 210 11.72 5.21 -7.44
N VAL A 211 12.39 5.76 -8.45
CA VAL A 211 12.46 7.22 -8.59
C VAL A 211 11.22 7.81 -9.27
N LYS A 212 10.59 7.08 -10.18
CA LYS A 212 9.44 7.63 -10.91
C LYS A 212 8.29 8.01 -9.98
N TRP A 213 8.28 7.51 -8.75
CA TRP A 213 7.22 7.81 -7.80
C TRP A 213 7.58 8.92 -6.82
N MET A 214 8.88 9.13 -6.57
CA MET A 214 9.30 10.13 -5.59
C MET A 214 9.03 11.53 -6.10
N ALA A 215 8.66 12.42 -5.17
CA ALA A 215 8.45 13.85 -5.38
C ALA A 215 9.79 14.59 -5.33
N PRO A 216 9.87 15.75 -6.00
CA PRO A 216 11.13 16.50 -6.07
C PRO A 216 11.83 16.69 -4.73
N GLU A 217 11.12 17.23 -3.74
CA GLU A 217 11.74 17.56 -2.47
C GLU A 217 12.34 16.32 -1.81
N ALA A 218 11.77 15.14 -2.05
CA ALA A 218 12.33 13.88 -1.57
C ALA A 218 13.38 13.32 -2.50
N LEU A 219 13.31 13.68 -3.77
CA LEU A 219 14.22 13.21 -4.80
C LEU A 219 15.54 13.96 -4.79
N PHE A 220 15.56 15.16 -4.26
CA PHE A 220 16.71 16.04 -4.35
C PHE A 220 17.15 16.57 -3.00
N ASP A 221 16.20 17.00 -2.16
CA ASP A 221 16.50 17.45 -0.81
C ASP A 221 16.42 16.34 0.23
N ARG A 222 15.97 15.15 -0.17
CA ARG A 222 15.81 14.01 0.72
C ARG A 222 14.97 14.37 1.94
N VAL A 223 13.80 14.94 1.68
CA VAL A 223 12.83 15.28 2.72
C VAL A 223 11.46 14.75 2.33
N TYR A 224 10.73 14.21 3.30
CA TYR A 224 9.42 13.59 3.06
C TYR A 224 8.39 14.19 4.02
N THR A 225 7.33 14.77 3.46
CA THR A 225 6.19 15.27 4.23
C THR A 225 4.93 14.50 3.83
N HIS A 226 3.80 14.85 4.46
CA HIS A 226 2.52 14.33 4.02
C HIS A 226 2.22 14.71 2.58
N GLN A 227 2.81 15.80 2.10
CA GLN A 227 2.59 16.27 0.73
C GLN A 227 3.42 15.49 -0.28
N SER A 228 4.57 14.96 0.13
CA SER A 228 5.33 14.07 -0.74
C SER A 228 4.54 12.80 -1.06
N ASP A 229 3.69 12.36 -0.13
CA ASP A 229 2.84 11.20 -0.41
C ASP A 229 1.74 11.57 -1.40
N VAL A 230 1.16 12.76 -1.25
CA VAL A 230 0.15 13.23 -2.20
C VAL A 230 0.70 13.20 -3.62
N TRP A 231 1.99 13.49 -3.79
CA TRP A 231 2.61 13.33 -5.10
C TRP A 231 2.61 11.86 -5.52
N SER A 232 3.02 10.98 -4.61
CA SER A 232 3.10 9.56 -4.94
C SER A 232 1.72 9.00 -5.24
N PHE A 233 0.69 9.49 -4.54
CA PHE A 233 -0.67 9.06 -4.81
C PHE A 233 -1.11 9.45 -6.22
N GLY A 234 -0.63 10.60 -6.71
CA GLY A 234 -0.94 10.99 -8.08
C GLY A 234 -0.34 10.04 -9.10
N ILE A 235 0.90 9.62 -8.88
CA ILE A 235 1.50 8.60 -9.74
C ILE A 235 0.68 7.32 -9.66
N LEU A 236 0.12 7.03 -8.47
CA LEU A 236 -0.72 5.86 -8.30
C LEU A 236 -2.01 5.99 -9.12
N LEU A 237 -2.72 7.11 -8.96
CA LEU A 237 -3.88 7.39 -9.81
C LEU A 237 -3.58 7.11 -11.27
N TRP A 238 -2.42 7.57 -11.76
CA TRP A 238 -2.05 7.28 -13.14
C TRP A 238 -1.77 5.79 -13.35
N GLU A 239 -1.16 5.13 -12.35
CA GLU A 239 -0.90 3.70 -12.47
C GLU A 239 -2.18 2.91 -12.65
N ILE A 240 -3.31 3.41 -12.15
CA ILE A 240 -4.56 2.66 -12.21
C ILE A 240 -5.24 2.85 -13.55
N PHE A 241 -5.50 4.12 -13.94
CA PHE A 241 -6.27 4.37 -15.14
C PHE A 241 -5.52 4.01 -16.42
N THR A 242 -4.23 3.72 -16.34
CA THR A 242 -3.55 3.04 -17.44
C THR A 242 -3.65 1.53 -17.34
N LEU A 243 -4.35 1.03 -16.30
CA LEU A 243 -4.50 -0.41 -16.04
C LEU A 243 -3.17 -1.08 -15.77
N GLY A 244 -2.31 -0.43 -15.00
CA GLY A 244 -1.06 -1.00 -14.57
C GLY A 244 0.15 -0.66 -15.40
N GLY A 245 0.15 0.50 -16.06
CA GLY A 245 1.28 0.90 -16.89
C GLY A 245 2.50 1.29 -16.07
N SER A 246 3.57 1.61 -16.78
CA SER A 246 4.79 2.10 -16.14
C SER A 246 4.86 3.61 -16.26
N PRO A 247 5.10 4.33 -15.16
CA PRO A 247 5.12 5.79 -15.22
C PRO A 247 6.20 6.31 -16.14
N TYR A 248 5.91 7.42 -16.79
CA TYR A 248 6.81 8.07 -17.74
C TYR A 248 7.36 7.03 -18.74
N PRO A 249 6.49 6.44 -19.55
CA PRO A 249 6.91 5.28 -20.36
C PRO A 249 7.94 5.66 -21.41
N GLY A 250 9.06 4.93 -21.43
CA GLY A 250 10.08 5.15 -22.42
C GLY A 250 11.06 6.27 -22.13
N ILE A 251 11.12 6.72 -20.89
CA ILE A 251 12.02 7.81 -20.48
C ILE A 251 13.06 7.22 -19.52
N PRO A 252 14.35 7.42 -19.77
CA PRO A 252 15.36 6.97 -18.81
C PRO A 252 15.28 7.77 -17.52
N VAL A 253 15.30 7.07 -16.39
CA VAL A 253 15.02 7.61 -15.06
C VAL A 253 15.87 8.85 -14.78
N GLU A 254 16.78 9.18 -15.69
CA GLU A 254 17.77 10.23 -15.45
C GLU A 254 17.81 11.72 -15.72
N GLU A 255 17.07 12.17 -16.75
CA GLU A 255 16.97 13.60 -17.08
C GLU A 255 15.52 13.86 -16.70
N LEU A 256 14.79 12.82 -16.28
CA LEU A 256 13.44 12.94 -15.75
C LEU A 256 13.31 14.14 -14.81
N PHE A 257 14.30 14.32 -13.93
CA PHE A 257 14.30 15.48 -13.05
C PHE A 257 14.28 16.78 -13.85
N SER A 258 15.11 16.89 -14.89
CA SER A 258 15.12 18.10 -15.70
C SER A 258 13.79 18.33 -16.39
N LEU A 259 13.12 17.26 -16.82
CA LEU A 259 11.84 17.41 -17.50
C LEU A 259 10.75 17.84 -16.53
N LEU A 260 10.76 17.32 -15.31
CA LEU A 260 9.88 17.84 -14.27
C LEU A 260 10.25 19.27 -13.89
N ARG A 261 11.54 19.63 -14.03
CA ARG A 261 12.05 20.99 -13.83
C ARG A 261 11.65 21.93 -14.96
N GLU A 262 10.74 21.45 -15.81
CA GLU A 262 10.11 22.24 -16.85
C GLU A 262 8.61 22.41 -16.66
N GLY A 263 7.96 21.53 -15.90
CA GLY A 263 6.52 21.52 -15.78
C GLY A 263 5.84 20.40 -16.56
N HIS A 264 6.62 19.53 -17.20
CA HIS A 264 6.08 18.48 -18.05
C HIS A 264 5.71 17.28 -17.19
N ARG A 265 4.44 17.17 -16.86
CA ARG A 265 3.90 15.97 -16.25
C ARG A 265 3.32 15.07 -17.34
N MET A 266 3.11 13.81 -17.00
CA MET A 266 2.60 12.86 -17.97
C MET A 266 1.24 13.32 -18.50
N ASP A 267 0.87 12.81 -19.66
CA ASP A 267 -0.31 13.30 -20.34
C ASP A 267 -1.49 12.38 -20.06
N ARG A 268 -2.68 12.98 -19.99
CA ARG A 268 -3.94 12.33 -19.66
C ARG A 268 -4.06 10.95 -20.31
N PRO A 269 -3.98 9.88 -19.53
CA PRO A 269 -4.13 8.55 -20.11
C PRO A 269 -5.43 8.44 -20.87
N PRO A 270 -5.47 7.59 -21.90
CA PRO A 270 -6.69 7.51 -22.73
C PRO A 270 -7.87 7.00 -21.93
N HIS A 271 -9.05 7.55 -22.25
CA HIS A 271 -10.32 7.24 -21.60
C HIS A 271 -10.34 7.62 -20.13
N CYS A 272 -9.35 8.37 -19.66
CA CYS A 272 -9.38 8.88 -18.30
C CYS A 272 -10.13 10.20 -18.26
N PRO A 273 -11.30 10.25 -17.65
CA PRO A 273 -12.12 11.46 -17.68
C PRO A 273 -11.39 12.62 -17.02
N PRO A 274 -11.54 13.84 -17.57
CA PRO A 274 -10.60 14.93 -17.23
C PRO A 274 -10.51 15.24 -15.75
N GLU A 275 -11.57 15.00 -14.97
CA GLU A 275 -11.51 15.30 -13.54
C GLU A 275 -10.43 14.48 -12.83
N LEU A 276 -10.14 13.29 -13.34
CA LEU A 276 -9.12 12.46 -12.72
C LEU A 276 -7.72 12.95 -13.08
N TYR A 277 -7.45 13.15 -14.37
CA TYR A 277 -6.18 13.77 -14.77
C TYR A 277 -6.04 15.15 -14.15
N GLY A 278 -7.16 15.88 -14.02
CA GLY A 278 -7.12 17.13 -13.29
C GLY A 278 -6.68 16.92 -11.86
N LEU A 279 -7.07 15.79 -11.25
CA LEU A 279 -6.62 15.50 -9.89
C LEU A 279 -5.16 15.10 -9.86
N MET A 280 -4.68 14.41 -10.91
CA MET A 280 -3.27 14.03 -10.96
C MET A 280 -2.38 15.27 -11.10
N ARG A 281 -2.75 16.21 -11.99
CA ARG A 281 -1.97 17.43 -12.14
C ARG A 281 -1.86 18.19 -10.82
N GLU A 282 -2.94 18.19 -10.03
CA GLU A 282 -2.88 18.85 -8.73
C GLU A 282 -1.93 18.14 -7.79
N CYS A 283 -1.88 16.81 -7.84
CA CYS A 283 -0.92 16.05 -7.06
C CYS A 283 0.49 16.20 -7.59
N TRP A 284 0.64 16.81 -8.76
CA TRP A 284 1.94 17.00 -9.38
C TRP A 284 2.36 18.47 -9.40
N HIS A 285 1.58 19.34 -8.77
CA HIS A 285 2.03 20.72 -8.58
C HIS A 285 3.34 20.74 -7.83
N ALA A 286 4.30 21.51 -8.34
CA ALA A 286 5.63 21.53 -7.73
C ALA A 286 5.57 22.05 -6.31
N ALA A 287 4.83 23.13 -6.07
CA ALA A 287 4.69 23.66 -4.71
C ALA A 287 3.86 22.70 -3.87
N PRO A 288 4.40 22.16 -2.79
CA PRO A 288 3.60 21.26 -1.93
C PRO A 288 2.40 21.94 -1.30
N SER A 289 2.52 23.23 -0.95
CA SER A 289 1.39 23.95 -0.38
C SER A 289 0.23 24.07 -1.36
N GLN A 290 0.49 23.95 -2.66
CA GLN A 290 -0.59 23.85 -3.64
C GLN A 290 -0.99 22.43 -3.93
N ARG A 291 -0.36 21.48 -3.29
CA ARG A 291 -0.83 20.11 -3.46
C ARG A 291 -2.01 19.85 -2.53
N PRO A 292 -2.99 19.08 -2.97
CA PRO A 292 -4.14 18.81 -2.10
C PRO A 292 -3.73 17.98 -0.90
N THR A 293 -4.49 18.14 0.18
CA THR A 293 -4.36 17.23 1.31
C THR A 293 -5.10 15.94 1.01
N PHE A 294 -4.82 14.90 1.81
CA PHE A 294 -5.50 13.64 1.58
C PHE A 294 -6.99 13.73 1.86
N LYS A 295 -7.39 14.58 2.80
CA LYS A 295 -8.80 14.76 3.08
C LYS A 295 -9.54 15.26 1.85
N GLN A 296 -8.89 16.11 1.04
CA GLN A 296 -9.53 16.62 -0.17
C GLN A 296 -9.54 15.59 -1.29
N LEU A 297 -8.54 14.70 -1.33
CA LEU A 297 -8.59 13.60 -2.29
C LEU A 297 -9.69 12.61 -1.94
N VAL A 298 -10.09 12.56 -0.67
CA VAL A 298 -11.21 11.71 -0.27
C VAL A 298 -12.52 12.24 -0.83
N GLU A 299 -12.73 13.56 -0.70
CA GLU A 299 -14.00 14.15 -1.12
C GLU A 299 -14.15 14.11 -2.63
N ALA A 300 -13.12 14.57 -3.35
CA ALA A 300 -13.18 14.59 -4.81
C ALA A 300 -13.47 13.20 -5.34
N LEU A 301 -12.76 12.19 -4.84
CA LEU A 301 -13.03 10.83 -5.27
C LEU A 301 -14.39 10.34 -4.80
N ASP A 302 -14.84 10.81 -3.65
CA ASP A 302 -16.15 10.38 -3.18
C ASP A 302 -17.27 11.04 -3.99
N LYS A 303 -17.09 12.32 -4.33
CA LYS A 303 -18.06 13.00 -5.20
C LYS A 303 -18.12 12.34 -6.57
N VAL A 304 -17.03 11.70 -6.99
CA VAL A 304 -17.04 10.96 -8.26
C VAL A 304 -17.71 9.61 -8.08
N LEU A 305 -17.27 8.84 -7.07
CA LEU A 305 -17.89 7.55 -6.78
C LEU A 305 -19.41 7.65 -6.72
N LEU A 306 -19.92 8.79 -6.21
CA LEU A 306 -21.34 9.05 -6.09
C LEU A 306 -22.01 9.30 -7.43
N ALA A 307 -21.26 9.55 -8.51
CA ALA A 307 -21.83 9.72 -9.85
C ALA A 307 -22.14 8.21 -9.80
N VAL A 308 -23.42 7.90 -9.99
CA VAL A 308 -23.89 6.52 -9.98
C VAL A 308 -25.37 6.51 -9.58
#